data_6SQW
#
_entry.id   6SQW
#
_cell.length_a   58.516
_cell.length_b   58.516
_cell.length_c   140.905
_cell.angle_alpha   90.000
_cell.angle_beta   90.000
_cell.angle_gamma   90.000
#
_symmetry.space_group_name_H-M   'P 41 21 2'
#
loop_
_entity.id
_entity.type
_entity.pdbx_description
1 polymer 'dCTP pyrophosphatase 1'
2 non-polymer 'MAGNESIUM ION'
3 non-polymer "5-METHYL-2'-DEOXY-CYTIDINE-5'-MONOPHOSPHATE"
4 water water
#
_entity_poly.entity_id   1
_entity_poly.type   'polypeptide(L)'
_entity_poly.pdbx_seq_one_letter_code
;MSTAGDGERGTVGQEDSAAAMPFRFSPEPTLEDIRRLHAEFAAERDWEQFHQPRNLLLALVGEVGELAELFQWKSDTEPG
PQAWPPKERAALQEELSDVLIYLVALAARCHVDLPQAVISKMDTNRQRYPVHLSRGSACKYTDLPRGTISENQAVGAGDP
ASELRDQAST
;
_entity_poly.pdbx_strand_id   A,D
#
loop_
_chem_comp.id
_chem_comp.type
_chem_comp.name
_chem_comp.formula
5CM DNA linking 5-METHYL-2'-DEOXY-CYTIDINE-5'-MONOPHOSPHATE 'C10 H16 N3 O7 P'
MG non-polymer 'MAGNESIUM ION' 'Mg 2'
#
# COMPACT_ATOMS: atom_id res chain seq x y z
N MET A 21 25.26 -2.28 -20.55
CA MET A 21 25.10 -1.01 -21.34
C MET A 21 24.33 0.00 -20.53
N PRO A 22 24.60 1.31 -20.69
CA PRO A 22 23.93 2.29 -19.84
C PRO A 22 22.42 2.28 -20.01
N PHE A 23 21.71 2.27 -18.91
CA PHE A 23 20.27 2.30 -18.97
C PHE A 23 19.79 3.71 -18.86
N ARG A 24 18.86 4.09 -19.72
CA ARG A 24 18.19 5.40 -19.61
C ARG A 24 16.73 5.27 -19.99
N PHE A 25 15.95 6.25 -19.55
CA PHE A 25 14.56 6.36 -19.94
C PHE A 25 14.46 7.08 -21.28
N SER A 26 13.36 6.84 -21.97
CA SER A 26 13.01 7.61 -23.14
C SER A 26 12.86 9.09 -22.78
N PRO A 27 13.12 9.98 -23.75
CA PRO A 27 13.01 11.38 -23.43
C PRO A 27 11.58 11.88 -23.20
N GLU A 28 10.61 11.19 -23.79
CA GLU A 28 9.20 11.50 -23.58
C GLU A 28 8.37 10.19 -23.45
N PRO A 29 7.17 10.25 -22.87
CA PRO A 29 6.51 11.46 -22.40
C PRO A 29 7.11 12.06 -21.14
N THR A 30 6.94 13.37 -21.02
CA THR A 30 7.29 14.12 -19.83
C THR A 30 6.14 14.05 -18.80
N LEU A 31 6.36 14.62 -17.64
CA LEU A 31 5.34 14.60 -16.59
C LEU A 31 4.16 15.45 -17.01
N GLU A 32 4.41 16.59 -17.67
CA GLU A 32 3.34 17.38 -18.24
C GLU A 32 2.57 16.59 -19.27
N ASP A 33 3.28 15.90 -20.17
CA ASP A 33 2.64 15.06 -21.18
C ASP A 33 1.68 14.05 -20.47
N ILE A 34 2.17 13.44 -19.41
CA ILE A 34 1.38 12.43 -18.70
C ILE A 34 0.17 13.11 -18.02
N ARG A 35 0.39 14.26 -17.40
CA ARG A 35 -0.73 15.01 -16.84
C ARG A 35 -1.84 15.24 -17.87
N ARG A 36 -1.43 15.74 -19.04
CA ARG A 36 -2.37 16.01 -20.11
C ARG A 36 -3.07 14.76 -20.58
N LEU A 37 -2.30 13.70 -20.84
CA LEU A 37 -2.88 12.43 -21.28
C LEU A 37 -3.89 11.90 -20.29
N HIS A 38 -3.55 11.96 -19.01
CA HIS A 38 -4.49 11.45 -18.03
C HIS A 38 -5.74 12.35 -17.95
N ALA A 39 -5.54 13.67 -17.97
CA ALA A 39 -6.66 14.62 -17.95
C ALA A 39 -7.60 14.40 -19.13
N GLU A 40 -7.01 14.18 -20.31
CA GLU A 40 -7.80 13.87 -21.55
C GLU A 40 -8.65 12.62 -21.34
N PHE A 41 -7.96 11.56 -20.88
CA PHE A 41 -8.57 10.28 -20.61
C PHE A 41 -9.74 10.40 -19.65
N ALA A 42 -9.52 11.09 -18.54
CA ALA A 42 -10.58 11.27 -17.51
C ALA A 42 -11.73 12.07 -18.06
N ALA A 43 -11.40 13.17 -18.75
CA ALA A 43 -12.43 14.09 -19.23
C ALA A 43 -13.33 13.42 -20.29
N GLU A 44 -12.74 12.60 -21.17
CA GLU A 44 -13.57 11.89 -22.18
C GLU A 44 -14.57 10.98 -21.52
N ARG A 45 -14.25 10.46 -20.33
CA ARG A 45 -15.13 9.53 -19.63
C ARG A 45 -15.96 10.19 -18.57
N ASP A 46 -15.78 11.49 -18.38
CA ASP A 46 -16.49 12.24 -17.35
C ASP A 46 -16.20 11.67 -15.96
N TRP A 47 -14.92 11.43 -15.75
CA TRP A 47 -14.43 10.83 -14.51
C TRP A 47 -13.87 11.81 -13.46
N GLU A 48 -13.88 13.12 -13.75
CA GLU A 48 -13.50 14.20 -12.82
C GLU A 48 -14.00 13.96 -11.42
N GLN A 49 -15.29 13.65 -11.35
CA GLN A 49 -15.94 13.42 -10.05
C GLN A 49 -15.33 12.31 -9.21
N PHE A 50 -14.76 11.30 -9.87
CA PHE A 50 -14.11 10.22 -9.18
C PHE A 50 -12.67 10.58 -8.82
N HIS A 51 -12.13 11.69 -9.33
CA HIS A 51 -10.73 12.01 -9.19
C HIS A 51 -10.48 13.11 -8.17
N GLN A 52 -11.21 13.05 -7.04
CA GLN A 52 -10.94 13.95 -5.94
C GLN A 52 -9.63 13.50 -5.25
N PRO A 53 -8.98 14.39 -4.51
CA PRO A 53 -7.65 14.06 -4.03
C PRO A 53 -7.60 12.77 -3.23
N ARG A 54 -8.56 12.55 -2.32
CA ARG A 54 -8.49 11.35 -1.51
C ARG A 54 -8.79 10.10 -2.29
N ASN A 55 -9.62 10.18 -3.33
CA ASN A 55 -9.84 9.03 -4.22
C ASN A 55 -8.53 8.67 -4.91
N LEU A 56 -7.86 9.67 -5.44
CA LEU A 56 -6.64 9.44 -6.17
C LEU A 56 -5.54 8.86 -5.24
N LEU A 57 -5.46 9.38 -4.02
CA LEU A 57 -4.54 8.86 -3.02
C LEU A 57 -4.81 7.40 -2.68
N LEU A 58 -6.07 7.05 -2.44
CA LEU A 58 -6.42 5.68 -2.16
C LEU A 58 -6.14 4.77 -3.38
N ALA A 59 -6.42 5.27 -4.60
CA ALA A 59 -6.13 4.50 -5.81
C ALA A 59 -4.60 4.27 -5.89
N LEU A 60 -3.82 5.30 -5.55
N LEU A 60 -3.82 5.29 -5.55
CA LEU A 60 -2.36 5.19 -5.53
CA LEU A 60 -2.37 5.19 -5.54
C LEU A 60 -1.90 4.11 -4.56
C LEU A 60 -1.90 4.11 -4.56
N VAL A 61 -2.48 4.11 -3.38
CA VAL A 61 -2.17 3.05 -2.40
C VAL A 61 -2.49 1.66 -2.95
N GLY A 62 -3.62 1.54 -3.62
CA GLY A 62 -3.96 0.30 -4.27
C GLY A 62 -2.91 -0.17 -5.28
N GLU A 63 -2.42 0.76 -6.05
CA GLU A 63 -1.41 0.43 -7.04
C GLU A 63 -0.05 0.08 -6.43
N VAL A 64 0.31 0.77 -5.37
CA VAL A 64 1.53 0.41 -4.63
C VAL A 64 1.36 -0.99 -4.10
N GLY A 65 0.14 -1.37 -3.72
CA GLY A 65 -0.12 -2.73 -3.28
C GLY A 65 0.12 -3.74 -4.38
N GLU A 66 -0.38 -3.46 -5.58
CA GLU A 66 -0.17 -4.35 -6.69
C GLU A 66 1.32 -4.48 -7.04
N LEU A 67 2.04 -3.38 -6.91
CA LEU A 67 3.49 -3.39 -7.19
C LEU A 67 4.22 -4.28 -6.14
N ALA A 68 3.84 -4.09 -4.87
CA ALA A 68 4.40 -4.90 -3.82
C ALA A 68 4.15 -6.38 -4.02
N GLU A 69 2.95 -6.75 -4.50
CA GLU A 69 2.60 -8.13 -4.73
C GLU A 69 3.62 -8.84 -5.63
N LEU A 70 4.18 -8.11 -6.59
CA LEU A 70 5.12 -8.68 -7.54
C LEU A 70 6.41 -9.07 -6.89
N PHE A 71 6.79 -8.37 -5.83
CA PHE A 71 8.01 -8.62 -5.09
C PHE A 71 7.88 -9.45 -3.82
N GLN A 72 6.67 -9.65 -3.33
CA GLN A 72 6.46 -10.15 -1.98
C GLN A 72 7.08 -11.50 -1.68
N TRP A 73 7.07 -12.41 -2.64
CA TRP A 73 7.56 -13.77 -2.42
C TRP A 73 8.91 -13.99 -3.07
N LYS A 74 9.55 -12.94 -3.56
CA LYS A 74 10.90 -13.05 -4.07
C LYS A 74 11.83 -13.29 -2.89
N SER A 75 12.68 -14.31 -3.01
CA SER A 75 13.73 -14.55 -2.01
C SER A 75 14.85 -13.52 -2.17
N ASP A 76 15.72 -13.48 -1.16
CA ASP A 76 16.95 -12.64 -1.16
C ASP A 76 17.94 -13.06 -2.24
N THR A 77 18.10 -14.39 -2.35
CA THR A 77 19.13 -14.98 -3.19
C THR A 77 18.77 -15.02 -4.67
N GLU A 78 17.49 -15.04 -5.01
CA GLU A 78 17.06 -15.33 -6.40
C GLU A 78 17.26 -14.12 -7.34
N PRO A 79 17.19 -14.34 -8.68
CA PRO A 79 17.42 -13.25 -9.62
C PRO A 79 16.48 -12.05 -9.43
N GLY A 80 17.04 -10.87 -9.67
CA GLY A 80 16.31 -9.63 -9.64
C GLY A 80 15.41 -9.37 -10.85
N PRO A 81 14.66 -8.26 -10.80
CA PRO A 81 13.64 -7.92 -11.78
C PRO A 81 14.13 -7.78 -13.17
N GLN A 82 15.39 -7.42 -13.33
CA GLN A 82 15.99 -7.39 -14.68
C GLN A 82 15.90 -8.73 -15.38
N ALA A 83 15.82 -9.84 -14.61
CA ALA A 83 15.76 -11.17 -15.17
C ALA A 83 14.42 -11.88 -15.04
N TRP A 84 13.36 -11.15 -14.70
CA TRP A 84 12.07 -11.80 -14.51
C TRP A 84 11.54 -12.20 -15.86
N PRO A 85 10.63 -13.19 -15.88
CA PRO A 85 10.05 -13.62 -17.16
C PRO A 85 9.14 -12.56 -17.78
N PRO A 86 8.87 -12.65 -19.10
CA PRO A 86 8.08 -11.65 -19.82
C PRO A 86 6.78 -11.23 -19.14
N LYS A 87 6.01 -12.19 -18.61
CA LYS A 87 4.72 -11.83 -17.96
C LYS A 87 4.93 -10.98 -16.71
N GLU A 88 5.93 -11.34 -15.91
CA GLU A 88 6.25 -10.59 -14.71
C GLU A 88 6.83 -9.22 -15.02
N ARG A 89 7.64 -9.10 -16.08
CA ARG A 89 8.16 -7.80 -16.51
C ARG A 89 7.03 -6.87 -16.98
N ALA A 90 6.09 -7.43 -17.74
CA ALA A 90 4.91 -6.70 -18.20
C ALA A 90 4.11 -6.16 -17.00
N ALA A 91 3.85 -7.03 -16.04
CA ALA A 91 3.17 -6.63 -14.80
C ALA A 91 3.91 -5.54 -14.10
N LEU A 92 5.22 -5.68 -13.97
CA LEU A 92 6.03 -4.68 -13.28
C LEU A 92 5.91 -3.33 -13.96
N GLN A 93 6.07 -3.32 -15.28
CA GLN A 93 5.88 -2.10 -16.09
C GLN A 93 4.51 -1.46 -15.85
N GLU A 94 3.47 -2.29 -15.86
CA GLU A 94 2.12 -1.83 -15.72
C GLU A 94 1.87 -1.19 -14.34
N GLU A 95 2.34 -1.83 -13.28
CA GLU A 95 2.10 -1.30 -11.93
C GLU A 95 2.94 -0.12 -11.63
N LEU A 96 4.20 -0.10 -12.07
CA LEU A 96 4.99 1.09 -11.91
C LEU A 96 4.28 2.28 -12.60
N SER A 97 3.69 2.01 -13.76
CA SER A 97 2.98 3.02 -14.53
C SER A 97 1.70 3.49 -13.81
N ASP A 98 0.90 2.54 -13.31
CA ASP A 98 -0.30 2.89 -12.52
C ASP A 98 0.06 3.77 -11.34
N VAL A 99 1.14 3.47 -10.63
CA VAL A 99 1.55 4.32 -9.55
C VAL A 99 1.84 5.74 -10.07
N LEU A 100 2.61 5.84 -11.13
CA LEU A 100 3.00 7.15 -11.66
C LEU A 100 1.78 7.92 -12.14
N ILE A 101 0.85 7.25 -12.79
CA ILE A 101 -0.33 7.90 -13.34
C ILE A 101 -1.15 8.57 -12.22
N TYR A 102 -1.42 7.81 -11.16
CA TYR A 102 -2.15 8.38 -10.06
C TYR A 102 -1.36 9.44 -9.37
N LEU A 103 -0.06 9.29 -9.28
CA LEU A 103 0.74 10.27 -8.59
C LEU A 103 0.67 11.61 -9.33
N VAL A 104 0.79 11.53 -10.63
CA VAL A 104 0.63 12.72 -11.49
C VAL A 104 -0.74 13.34 -11.35
N ALA A 105 -1.79 12.53 -11.52
CA ALA A 105 -3.15 12.99 -11.30
C ALA A 105 -3.37 13.69 -9.95
N LEU A 106 -2.82 13.09 -8.87
CA LEU A 106 -2.98 13.64 -7.54
C LEU A 106 -2.26 14.98 -7.41
N ALA A 107 -1.01 15.01 -7.86
CA ALA A 107 -0.25 16.26 -7.85
C ALA A 107 -0.96 17.35 -8.63
N ALA A 108 -1.46 17.03 -9.84
CA ALA A 108 -2.20 17.99 -10.64
C ALA A 108 -3.48 18.50 -9.93
N ARG A 109 -4.27 17.57 -9.39
N ARG A 109 -4.26 17.56 -9.39
CA ARG A 109 -5.49 17.89 -8.69
CA ARG A 109 -5.49 17.88 -8.68
C ARG A 109 -5.25 18.78 -7.44
C ARG A 109 -5.25 18.78 -7.44
N CYS A 110 -4.06 18.66 -6.83
CA CYS A 110 -3.63 19.55 -5.75
C CYS A 110 -2.91 20.84 -6.20
N HIS A 111 -2.84 21.06 -7.50
CA HIS A 111 -2.09 22.19 -8.06
C HIS A 111 -0.62 22.21 -7.58
N VAL A 112 0.02 21.06 -7.56
CA VAL A 112 1.45 20.96 -7.28
C VAL A 112 2.21 20.75 -8.58
N ASP A 113 3.22 21.60 -8.78
CA ASP A 113 4.10 21.51 -9.94
C ASP A 113 5.17 20.44 -9.67
N LEU A 114 4.77 19.22 -9.97
CA LEU A 114 5.52 18.06 -9.56
C LEU A 114 6.98 18.05 -10.01
N PRO A 115 7.28 18.42 -11.27
CA PRO A 115 8.70 18.47 -11.66
C PRO A 115 9.51 19.45 -10.82
N GLN A 116 8.97 20.65 -10.59
CA GLN A 116 9.69 21.62 -9.77
C GLN A 116 9.70 21.29 -8.32
N ALA A 117 8.63 20.64 -7.83
CA ALA A 117 8.70 20.08 -6.48
C ALA A 117 9.87 19.09 -6.31
N VAL A 118 10.13 18.25 -7.32
CA VAL A 118 11.22 17.28 -7.20
C VAL A 118 12.58 18.01 -7.17
N ILE A 119 12.74 19.03 -8.00
CA ILE A 119 13.95 19.83 -7.94
C ILE A 119 14.19 20.36 -6.52
N SER A 120 13.17 20.98 -5.95
N SER A 120 13.17 20.98 -5.95
CA SER A 120 13.25 21.49 -4.57
CA SER A 120 13.26 21.49 -4.57
C SER A 120 13.58 20.40 -3.56
C SER A 120 13.57 20.39 -3.56
N LYS A 121 12.95 19.22 -3.72
CA LYS A 121 13.19 18.11 -2.78
C LYS A 121 14.60 17.56 -2.90
N MET A 122 15.09 17.41 -4.13
CA MET A 122 16.48 17.00 -4.36
C MET A 122 17.47 17.98 -3.72
N ASP A 123 17.20 19.28 -3.87
CA ASP A 123 18.04 20.28 -3.21
C ASP A 123 18.07 20.10 -1.67
N THR A 124 16.87 19.92 -1.09
CA THR A 124 16.72 19.61 0.32
C THR A 124 17.44 18.32 0.70
N ASN A 125 17.30 17.29 -0.13
CA ASN A 125 17.99 16.02 0.11
C ASN A 125 19.53 16.20 0.20
N ARG A 126 20.06 17.00 -0.71
CA ARG A 126 21.52 17.32 -0.68
C ARG A 126 21.96 17.97 0.61
N GLN A 127 21.15 18.91 1.11
CA GLN A 127 21.45 19.55 2.39
C GLN A 127 21.33 18.64 3.57
N ARG A 128 20.29 17.80 3.60
CA ARG A 128 20.13 16.89 4.71
C ARG A 128 21.22 15.82 4.73
N TYR A 129 21.78 15.49 3.56
CA TYR A 129 22.85 14.48 3.46
C TYR A 129 24.06 14.99 2.64
N PRO A 130 24.84 15.90 3.24
CA PRO A 130 26.05 16.33 2.54
C PRO A 130 26.99 15.18 2.28
N VAL A 131 27.64 15.16 1.12
CA VAL A 131 28.58 14.09 0.76
C VAL A 131 29.62 13.84 1.86
N HIS A 132 30.21 14.91 2.39
CA HIS A 132 31.31 14.81 3.38
C HIS A 132 30.87 14.36 4.81
N LEU A 133 29.55 14.17 4.98
CA LEU A 133 28.92 13.52 6.16
C LEU A 133 28.39 12.11 5.84
N SER A 134 28.46 11.70 4.57
CA SER A 134 27.76 10.54 3.99
C SER A 134 26.25 10.69 4.15
N MET B 21 -28.44 -1.86 18.56
CA MET B 21 -27.76 -2.99 19.30
C MET B 21 -26.26 -2.80 19.32
N PRO B 22 -25.60 -3.19 20.42
CA PRO B 22 -24.16 -2.95 20.52
C PRO B 22 -23.40 -3.71 19.46
N PHE B 23 -22.45 -3.04 18.83
CA PHE B 23 -21.45 -3.77 18.07
C PHE B 23 -20.31 -4.22 18.95
N ARG B 24 -19.92 -5.49 18.81
CA ARG B 24 -18.76 -6.04 19.48
C ARG B 24 -18.12 -7.06 18.54
N PHE B 25 -16.84 -7.34 18.79
CA PHE B 25 -16.18 -8.48 18.15
C PHE B 25 -16.49 -9.74 18.91
N SER B 26 -16.42 -10.88 18.23
CA SER B 26 -16.45 -12.17 18.91
C SER B 26 -15.28 -12.29 19.88
N PRO B 27 -15.46 -13.04 20.97
CA PRO B 27 -14.36 -13.10 21.94
C PRO B 27 -13.16 -13.91 21.47
N GLU B 28 -13.38 -14.83 20.55
CA GLU B 28 -12.27 -15.54 19.90
C GLU B 28 -12.47 -15.61 18.35
N PRO B 29 -11.43 -15.87 17.57
CA PRO B 29 -10.08 -16.15 18.03
C PRO B 29 -9.34 -14.94 18.56
N THR B 30 -8.41 -15.24 19.47
CA THR B 30 -7.50 -14.26 20.02
C THR B 30 -6.30 -14.09 19.08
N LEU B 31 -5.42 -13.16 19.42
CA LEU B 31 -4.25 -12.93 18.56
C LEU B 31 -3.33 -14.12 18.61
N GLU B 32 -3.18 -14.71 19.80
CA GLU B 32 -2.42 -15.94 19.93
C GLU B 32 -3.04 -17.04 19.11
N ASP B 33 -4.35 -17.21 19.18
CA ASP B 33 -5.08 -18.21 18.35
C ASP B 33 -4.71 -18.00 16.87
N ILE B 34 -4.74 -16.75 16.42
CA ILE B 34 -4.47 -16.45 15.02
C ILE B 34 -3.01 -16.74 14.70
N ARG B 35 -2.10 -16.38 15.59
CA ARG B 35 -0.69 -16.71 15.41
C ARG B 35 -0.50 -18.20 15.18
N ARG B 36 -1.09 -18.99 16.09
CA ARG B 36 -0.97 -20.42 16.01
C ARG B 36 -1.57 -20.99 14.76
N LEU B 37 -2.78 -20.56 14.45
CA LEU B 37 -3.48 -21.03 13.25
C LEU B 37 -2.68 -20.73 12.01
N HIS B 38 -2.14 -19.52 11.94
CA HIS B 38 -1.37 -19.18 10.76
C HIS B 38 -0.07 -19.95 10.69
N ALA B 39 0.62 -20.06 11.83
CA ALA B 39 1.89 -20.83 11.90
C ALA B 39 1.68 -22.27 11.46
N GLU B 40 0.58 -22.87 11.94
CA GLU B 40 0.23 -24.23 11.51
C GLU B 40 -0.01 -24.33 10.02
N PHE B 41 -0.81 -23.39 9.50
CA PHE B 41 -1.15 -23.28 8.09
C PHE B 41 0.14 -23.21 7.24
N ALA B 42 1.05 -22.34 7.63
CA ALA B 42 2.33 -22.21 6.92
C ALA B 42 3.18 -23.47 6.99
N ALA B 43 3.28 -24.03 8.20
CA ALA B 43 4.11 -25.21 8.46
C ALA B 43 3.63 -26.43 7.68
N GLU B 44 2.31 -26.63 7.59
CA GLU B 44 1.77 -27.76 6.82
C GLU B 44 2.18 -27.67 5.36
N ARG B 45 2.31 -26.46 4.84
CA ARG B 45 2.65 -26.21 3.44
C ARG B 45 4.11 -25.98 3.20
N ASP B 46 4.92 -26.01 4.27
CA ASP B 46 6.34 -25.77 4.15
C ASP B 46 6.64 -24.39 3.58
N TRP B 47 5.90 -23.43 4.10
CA TRP B 47 5.96 -22.05 3.64
C TRP B 47 6.81 -21.13 4.52
N GLU B 48 7.37 -21.63 5.63
CA GLU B 48 8.28 -20.85 6.51
C GLU B 48 9.29 -20.05 5.72
N GLN B 49 9.90 -20.72 4.74
CA GLN B 49 10.92 -20.08 3.90
C GLN B 49 10.43 -18.85 3.15
N PHE B 50 9.15 -18.80 2.81
CA PHE B 50 8.58 -17.66 2.13
C PHE B 50 8.14 -16.59 3.10
N HIS B 51 8.12 -16.89 4.40
CA HIS B 51 7.58 -16.01 5.41
C HIS B 51 8.67 -15.27 6.16
N GLN B 52 9.68 -14.79 5.45
CA GLN B 52 10.70 -13.93 6.06
C GLN B 52 10.09 -12.55 6.32
N PRO B 53 10.67 -11.80 7.25
CA PRO B 53 10.04 -10.57 7.67
C PRO B 53 9.71 -9.61 6.47
N ARG B 54 10.63 -9.44 5.55
CA ARG B 54 10.38 -8.51 4.46
C ARG B 54 9.38 -9.03 3.47
N ASN B 55 9.29 -10.35 3.29
CA ASN B 55 8.22 -10.92 2.46
C ASN B 55 6.88 -10.64 3.07
N LEU B 56 6.77 -10.88 4.38
CA LEU B 56 5.52 -10.70 5.07
C LEU B 56 5.09 -9.21 5.02
N LEU B 57 6.03 -8.32 5.19
CA LEU B 57 5.77 -6.88 5.12
C LEU B 57 5.27 -6.46 3.76
N LEU B 58 5.93 -6.92 2.70
CA LEU B 58 5.46 -6.64 1.36
C LEU B 58 4.06 -7.25 1.10
N ALA B 59 3.83 -8.47 1.59
CA ALA B 59 2.51 -9.08 1.46
C ALA B 59 1.44 -8.22 2.18
N LEU B 60 1.81 -7.71 3.36
N LEU B 60 1.76 -7.75 3.39
CA LEU B 60 0.94 -6.83 4.12
CA LEU B 60 0.90 -6.87 4.12
C LEU B 60 0.60 -5.56 3.35
C LEU B 60 0.58 -5.61 3.29
N VAL B 61 1.62 -4.98 2.73
CA VAL B 61 1.39 -3.79 1.88
C VAL B 61 0.42 -4.12 0.72
N GLY B 62 0.60 -5.29 0.14
CA GLY B 62 -0.35 -5.77 -0.88
C GLY B 62 -1.78 -5.84 -0.39
N GLU B 63 -1.95 -6.32 0.83
CA GLU B 63 -3.29 -6.45 1.37
C GLU B 63 -3.90 -5.11 1.73
N VAL B 64 -3.09 -4.21 2.24
CA VAL B 64 -3.56 -2.85 2.49
C VAL B 64 -3.98 -2.23 1.16
N GLY B 65 -3.30 -2.58 0.08
CA GLY B 65 -3.70 -2.12 -1.24
C GLY B 65 -5.06 -2.65 -1.65
N GLU B 66 -5.31 -3.93 -1.43
CA GLU B 66 -6.61 -4.51 -1.70
C GLU B 66 -7.71 -3.90 -0.91
N LEU B 67 -7.41 -3.54 0.32
CA LEU B 67 -8.38 -2.90 1.21
C LEU B 67 -8.68 -1.47 0.68
N ALA B 68 -7.63 -0.75 0.31
CA ALA B 68 -7.81 0.56 -0.29
C ALA B 68 -8.67 0.52 -1.55
N GLU B 69 -8.52 -0.51 -2.36
CA GLU B 69 -9.28 -0.65 -3.60
C GLU B 69 -10.78 -0.59 -3.35
N LEU B 70 -11.21 -1.13 -2.21
CA LEU B 70 -12.60 -1.20 -1.86
C LEU B 70 -13.19 0.18 -1.62
N PHE B 71 -12.38 1.11 -1.14
CA PHE B 71 -12.75 2.44 -0.79
C PHE B 71 -12.44 3.52 -1.81
N GLN B 72 -11.60 3.21 -2.81
CA GLN B 72 -10.98 4.26 -3.60
C GLN B 72 -11.96 5.13 -4.39
N TRP B 73 -13.03 4.53 -4.88
CA TRP B 73 -14.00 5.23 -5.74
C TRP B 73 -15.26 5.64 -4.98
N LYS B 74 -15.30 5.42 -3.67
CA LYS B 74 -16.49 5.75 -2.90
C LYS B 74 -16.61 7.26 -2.81
N SER B 75 -17.83 7.76 -3.11
CA SER B 75 -18.14 9.17 -2.87
C SER B 75 -18.38 9.40 -1.37
N ASP B 76 -18.43 10.69 -1.00
CA ASP B 76 -18.78 11.09 0.38
C ASP B 76 -20.23 10.84 0.72
N THR B 77 -21.09 11.09 -0.25
CA THR B 77 -22.54 11.04 -0.06
C THR B 77 -23.13 9.63 -0.05
N GLU B 78 -22.46 8.67 -0.70
CA GLU B 78 -23.06 7.33 -0.86
C GLU B 78 -22.96 6.50 0.45
N PRO B 79 -23.69 5.37 0.55
CA PRO B 79 -23.66 4.60 1.81
C PRO B 79 -22.28 4.14 2.24
N GLY B 80 -22.03 4.22 3.54
CA GLY B 80 -20.78 3.79 4.12
C GLY B 80 -20.73 2.28 4.35
N PRO B 81 -19.58 1.78 4.80
CA PRO B 81 -19.30 0.34 4.82
C PRO B 81 -20.24 -0.47 5.71
N GLN B 82 -20.77 0.17 6.76
CA GLN B 82 -21.79 -0.46 7.59
C GLN B 82 -23.02 -0.87 6.75
N ALA B 83 -23.26 -0.18 5.64
CA ALA B 83 -24.41 -0.41 4.79
C ALA B 83 -24.05 -0.91 3.39
N TRP B 84 -22.81 -1.35 3.17
CA TRP B 84 -22.41 -1.81 1.83
C TRP B 84 -23.18 -3.06 1.49
N PRO B 85 -23.31 -3.32 0.17
CA PRO B 85 -24.01 -4.54 -0.25
C PRO B 85 -23.24 -5.83 0.11
N PRO B 86 -23.94 -6.99 0.12
CA PRO B 86 -23.38 -8.25 0.59
C PRO B 86 -21.99 -8.59 0.03
N LYS B 87 -21.81 -8.43 -1.30
CA LYS B 87 -20.53 -8.77 -1.94
C LYS B 87 -19.39 -7.88 -1.43
N GLU B 88 -19.68 -6.59 -1.31
CA GLU B 88 -18.71 -5.63 -0.81
C GLU B 88 -18.37 -5.83 0.65
N ARG B 89 -19.37 -6.19 1.46
CA ARG B 89 -19.11 -6.53 2.88
C ARG B 89 -18.19 -7.76 3.00
N ALA B 90 -18.46 -8.79 2.20
CA ALA B 90 -17.63 -9.98 2.16
C ALA B 90 -16.15 -9.63 1.80
N ALA B 91 -16.00 -8.85 0.74
CA ALA B 91 -14.67 -8.36 0.36
C ALA B 91 -14.00 -7.61 1.47
N LEU B 92 -14.73 -6.70 2.10
CA LEU B 92 -14.17 -5.90 3.18
C LEU B 92 -13.68 -6.77 4.33
N GLN B 93 -14.53 -7.72 4.73
CA GLN B 93 -14.15 -8.73 5.76
C GLN B 93 -12.88 -9.46 5.40
N GLU B 94 -12.81 -9.89 4.15
CA GLU B 94 -11.68 -10.70 3.69
C GLU B 94 -10.38 -9.91 3.70
N GLU B 95 -10.42 -8.67 3.22
CA GLU B 95 -9.17 -7.88 3.17
C GLU B 95 -8.78 -7.36 4.50
N LEU B 96 -9.73 -6.98 5.34
CA LEU B 96 -9.38 -6.63 6.70
C LEU B 96 -8.66 -7.83 7.37
N SER B 97 -9.17 -9.03 7.09
CA SER B 97 -8.60 -10.27 7.63
C SER B 97 -7.20 -10.54 7.08
N ASP B 98 -7.01 -10.41 5.76
CA ASP B 98 -5.68 -10.56 5.17
C ASP B 98 -4.68 -9.62 5.79
N VAL B 99 -5.05 -8.38 6.02
CA VAL B 99 -4.15 -7.47 6.68
C VAL B 99 -3.76 -7.98 8.06
N LEU B 100 -4.79 -8.37 8.84
CA LEU B 100 -4.55 -8.85 10.20
C LEU B 100 -3.67 -10.09 10.21
N ILE B 101 -3.91 -11.00 9.29
CA ILE B 101 -3.17 -12.26 9.25
C ILE B 101 -1.67 -12.01 9.02
N TYR B 102 -1.35 -11.19 8.02
CA TYR B 102 0.04 -10.90 7.79
C TYR B 102 0.62 -10.08 8.89
N LEU B 103 -0.16 -9.23 9.53
CA LEU B 103 0.41 -8.43 10.59
C LEU B 103 0.78 -9.34 11.77
N VAL B 104 -0.11 -10.27 12.08
CA VAL B 104 0.18 -11.29 13.09
C VAL B 104 1.40 -12.13 12.72
N ALA B 105 1.39 -12.70 11.53
CA ALA B 105 2.55 -13.43 11.01
C ALA B 105 3.88 -12.64 11.13
N LEU B 106 3.86 -11.37 10.74
CA LEU B 106 5.05 -10.55 10.79
C LEU B 106 5.50 -10.30 12.21
N ALA B 107 4.56 -9.91 13.07
CA ALA B 107 4.90 -9.71 14.47
C ALA B 107 5.49 -11.00 15.09
N ALA B 108 4.88 -12.15 14.82
CA ALA B 108 5.39 -13.43 15.32
C ALA B 108 6.79 -13.76 14.78
N ARG B 109 7.01 -13.58 13.48
CA ARG B 109 8.29 -13.82 12.85
C ARG B 109 9.39 -12.93 13.41
N CYS B 110 9.02 -11.73 13.89
CA CYS B 110 9.96 -10.82 14.56
C CYS B 110 10.04 -11.05 16.10
N HIS B 111 9.36 -12.07 16.61
CA HIS B 111 9.27 -12.30 18.04
C HIS B 111 8.78 -11.07 18.82
N VAL B 112 7.76 -10.42 18.30
CA VAL B 112 7.06 -9.32 19.00
C VAL B 112 5.77 -9.83 19.59
N ASP B 113 5.59 -9.59 20.88
CA ASP B 113 4.39 -9.95 21.61
C ASP B 113 3.32 -8.90 21.34
N LEU B 114 2.63 -9.11 20.24
CA LEU B 114 1.74 -8.11 19.69
C LEU B 114 0.67 -7.63 20.66
N PRO B 115 0.00 -8.53 21.41
CA PRO B 115 -0.99 -8.02 22.38
C PRO B 115 -0.38 -7.10 23.41
N GLN B 116 0.77 -7.49 23.96
CA GLN B 116 1.40 -6.65 24.98
C GLN B 116 2.01 -5.41 24.41
N ALA B 117 2.54 -5.50 23.17
CA ALA B 117 2.95 -4.28 22.47
C ALA B 117 1.80 -3.28 22.33
N VAL B 118 0.57 -3.74 22.06
CA VAL B 118 -0.53 -2.83 21.87
C VAL B 118 -0.88 -2.14 23.18
N ILE B 119 -0.89 -2.90 24.26
CA ILE B 119 -1.09 -2.28 25.58
C ILE B 119 -0.10 -1.15 25.80
N SER B 120 1.17 -1.43 25.61
N SER B 120 1.17 -1.41 25.56
CA SER B 120 2.23 -0.42 25.76
CA SER B 120 2.22 -0.40 25.73
C SER B 120 2.01 0.79 24.85
C SER B 120 1.97 0.80 24.83
N LYS B 121 1.60 0.54 23.59
CA LYS B 121 1.38 1.66 22.66
C LYS B 121 0.17 2.49 23.07
N MET B 122 -0.93 1.83 23.47
CA MET B 122 -2.10 2.52 24.00
C MET B 122 -1.75 3.38 25.21
N ASP B 123 -0.94 2.86 26.12
CA ASP B 123 -0.46 3.67 27.27
C ASP B 123 0.29 4.93 26.81
N THR B 124 1.21 4.74 25.86
CA THR B 124 1.93 5.84 25.23
C THR B 124 0.99 6.80 24.52
N ASN B 125 0.00 6.28 23.81
CA ASN B 125 -1.02 7.13 23.14
C ASN B 125 -1.75 8.03 24.17
N ARG B 126 -2.12 7.44 25.30
CA ARG B 126 -2.76 8.22 26.39
C ARG B 126 -1.90 9.37 26.89
N GLN B 127 -0.61 9.11 27.05
CA GLN B 127 0.34 10.16 27.45
C GLN B 127 0.52 11.24 26.42
N ARG B 128 0.65 10.83 25.15
CA ARG B 128 0.85 11.81 24.09
C ARG B 128 -0.40 12.65 23.89
N TYR B 129 -1.59 12.12 24.21
CA TYR B 129 -2.86 12.85 24.06
C TYR B 129 -3.69 12.81 25.33
N PRO B 130 -3.28 13.59 26.36
CA PRO B 130 -4.08 13.63 27.57
C PRO B 130 -5.48 14.14 27.29
N VAL B 131 -6.49 13.58 27.96
CA VAL B 131 -7.89 13.91 27.68
C VAL B 131 -8.15 15.42 27.73
N HIS B 132 -7.54 16.10 28.70
CA HIS B 132 -7.37 17.58 28.74
C HIS B 132 -8.61 18.43 28.54
MG MG C . -2.64 -1.60 -11.26
N1 5CM D . -8.05 4.87 -14.23
C2 5CM D . -8.37 6.17 -13.84
N3 5CM D . -9.54 6.45 -13.20
C4 5CM D . -10.47 5.48 -13.00
C5 5CM D . -10.15 4.10 -13.41
C5A 5CM D . -11.13 2.93 -13.20
C6 5CM D . -8.94 3.87 -14.05
O2 5CM D . -7.51 7.07 -14.05
N4 5CM D . -11.62 5.79 -12.37
C1' 5CM D . -6.76 4.63 -14.90
C2' 5CM D . -5.52 4.97 -14.06
C3' 5CM D . -4.67 3.67 -13.98
C4' 5CM D . -5.62 2.57 -14.48
O4' 5CM D . -6.66 3.23 -15.27
O3' 5CM D . -3.49 3.75 -14.83
C5' 5CM D . -6.30 1.77 -13.37
O5' 5CM D . -7.31 0.85 -13.89
P 5CM D . -7.82 -0.43 -13.00
OP1 5CM D . -8.13 0.14 -11.59
OP2 5CM D . -9.07 -0.90 -13.71
OP3 5CM D . -6.70 -1.44 -13.10
MG MG E . -6.35 -10.10 0.03
N1 5CM F . -1.06 -16.81 2.68
C2 5CM F . 0.13 -16.95 3.44
N3 5CM F . 1.29 -17.21 2.78
C4 5CM F . 1.31 -17.40 1.44
C5 5CM F . 0.07 -17.28 0.68
C5A 5CM F . 0.03 -17.46 -0.82
C6 5CM F . -1.07 -17.00 1.35
O2 5CM F . 0.14 -16.85 4.72
N4 5CM F . 2.48 -17.68 0.86
C1' 5CM F . -2.32 -16.56 3.38
C2' 5CM F . -2.34 -15.22 4.14
C3' 5CM F . -3.51 -14.45 3.63
C4' 5CM F . -3.99 -15.22 2.39
O4' 5CM F . -3.42 -16.55 2.47
O3' 5CM F . -4.63 -14.37 4.53
C5' 5CM F . -3.56 -14.46 1.14
O5' 5CM F . -3.53 -15.28 -0.02
P 5CM F . -3.60 -14.71 -1.56
OP1 5CM F . -2.28 -13.93 -1.60
OP2 5CM F . -3.61 -15.99 -2.42
OP3 5CM F . -4.86 -13.89 -1.61
#